data_4G9G
#
_entry.id   4G9G
#
_cell.length_a   42.378
_cell.length_b   129.567
_cell.length_c   44.728
_cell.angle_alpha   90.00
_cell.angle_beta   111.02
_cell.angle_gamma   90.00
#
_symmetry.space_group_name_H-M   'P 1 21 1'
#
loop_
_entity.id
_entity.type
_entity.pdbx_description
1 polymer 'Alpha/beta hydrolase fold protein'
2 non-polymer 'NICKEL (II) ION'
3 water water
#
_entity_poly.entity_id   1
_entity_poly.type   'polypeptide(L)'
_entity_poly.pdbx_seq_one_letter_code
;MTINYHELETSHGRIAVRESEGEGAPLLMIHGNSSSGAIFAPQLEGEIGKKWRVIAPDLPGHGKSTDAIDPDRSYSMEGY
ADAMTEVMQQLGIADAVVFGWSLGGHIGIEMIARYPEMRGLMITGTPPVAREEVGQGFKSGPDMALAGQEIFSERDVESY
ARSTCGEPFEASLLDIVARTDGRARRIMFEKFGSGTGGNQRDIVAEAQLPIAVVNGRDGPFVELDFVSKVKFGNLWEGKT
HVIDNAGHAPFREAPAEFDAYLARFIRDCTQLEHHHHHH
;
_entity_poly.pdbx_strand_id   A,B
#
# COMPACT_ATOMS: atom_id res chain seq x y z
N THR A 2 -6.42 -7.86 -33.97
CA THR A 2 -5.17 -8.32 -33.40
C THR A 2 -5.00 -7.81 -31.98
N ILE A 3 -4.27 -8.55 -31.17
CA ILE A 3 -3.93 -8.12 -29.82
C ILE A 3 -2.54 -7.52 -29.81
N ASN A 4 -2.43 -6.34 -29.22
CA ASN A 4 -1.17 -5.62 -29.09
C ASN A 4 -0.45 -6.02 -27.81
N TYR A 5 0.60 -6.81 -27.96
CA TYR A 5 1.40 -7.24 -26.81
C TYR A 5 2.63 -6.37 -26.69
N HIS A 6 2.91 -5.90 -25.48
CA HIS A 6 4.14 -5.16 -25.25
C HIS A 6 4.49 -5.20 -23.77
N GLU A 7 5.70 -4.76 -23.45
CA GLU A 7 6.19 -4.86 -22.08
C GLU A 7 6.61 -3.49 -21.55
N LEU A 8 6.30 -3.25 -20.28
CA LEU A 8 6.63 -1.99 -19.64
C LEU A 8 7.70 -2.20 -18.59
N GLU A 9 8.71 -1.35 -18.59
CA GLU A 9 9.65 -1.34 -17.48
C GLU A 9 9.03 -0.53 -16.34
N THR A 10 8.78 -1.18 -15.21
CA THR A 10 8.21 -0.51 -14.06
C THR A 10 9.10 -0.70 -12.84
N SER A 11 8.78 0.01 -11.76
CA SER A 11 9.57 -0.11 -10.55
C SER A 11 9.47 -1.52 -9.94
N HIS A 12 8.44 -2.27 -10.33
CA HIS A 12 8.20 -3.62 -9.83
C HIS A 12 8.90 -4.69 -10.66
N GLY A 13 9.38 -4.29 -11.84
CA GLY A 13 9.92 -5.25 -12.80
C GLY A 13 9.31 -5.00 -14.16
N ARG A 14 9.56 -5.92 -15.09
CA ARG A 14 9.05 -5.74 -16.44
C ARG A 14 7.67 -6.37 -16.53
N ILE A 15 6.67 -5.55 -16.84
N ILE A 15 6.66 -5.57 -16.84
CA ILE A 15 5.28 -5.98 -16.88
CA ILE A 15 5.28 -6.04 -16.82
C ILE A 15 4.83 -6.23 -18.30
C ILE A 15 4.72 -6.19 -18.23
N ALA A 16 4.28 -7.41 -18.54
CA ALA A 16 3.69 -7.71 -19.84
C ALA A 16 2.27 -7.15 -19.90
N VAL A 17 1.91 -6.57 -21.04
CA VAL A 17 0.60 -5.93 -21.22
C VAL A 17 0.01 -6.37 -22.55
N ARG A 18 -1.25 -6.81 -22.50
CA ARG A 18 -2.00 -7.11 -23.71
C ARG A 18 -3.07 -6.05 -23.86
N GLU A 19 -3.20 -5.51 -25.06
CA GLU A 19 -4.23 -4.51 -25.35
C GLU A 19 -5.01 -4.87 -26.59
N SER A 20 -6.33 -4.78 -26.49
CA SER A 20 -7.15 -4.92 -27.69
C SER A 20 -7.03 -3.65 -28.51
N GLU A 21 -7.56 -3.67 -29.73
CA GLU A 21 -7.51 -2.48 -30.59
C GLU A 21 -8.78 -1.65 -30.54
N GLY A 22 -9.66 -1.94 -29.58
CA GLY A 22 -10.89 -1.18 -29.40
C GLY A 22 -10.62 0.30 -29.20
N GLU A 23 -11.44 1.14 -29.81
CA GLU A 23 -11.27 2.59 -29.75
C GLU A 23 -12.06 3.23 -28.61
N GLY A 24 -12.88 2.44 -27.94
CA GLY A 24 -13.75 2.95 -26.89
C GLY A 24 -13.05 3.11 -25.57
N ALA A 25 -13.82 3.45 -24.53
CA ALA A 25 -13.27 3.65 -23.20
C ALA A 25 -12.44 2.46 -22.72
N PRO A 26 -11.41 2.74 -21.93
CA PRO A 26 -10.52 1.67 -21.46
C PRO A 26 -11.09 0.84 -20.30
N LEU A 27 -10.80 -0.45 -20.38
CA LEU A 27 -11.12 -1.40 -19.33
C LEU A 27 -9.84 -2.13 -18.93
N LEU A 28 -9.46 -1.99 -17.65
N LEU A 28 -9.50 -2.04 -17.65
CA LEU A 28 -8.37 -2.78 -17.09
CA LEU A 28 -8.36 -2.77 -17.13
C LEU A 28 -8.96 -4.08 -16.57
C LEU A 28 -8.85 -4.06 -16.48
N MET A 29 -8.40 -5.21 -17.00
CA MET A 29 -8.79 -6.51 -16.46
C MET A 29 -7.62 -7.08 -15.68
N ILE A 30 -7.85 -7.41 -14.41
CA ILE A 30 -6.80 -7.92 -13.53
C ILE A 30 -7.07 -9.38 -13.21
N HIS A 31 -6.11 -10.23 -13.58
CA HIS A 31 -6.24 -11.67 -13.38
C HIS A 31 -6.06 -12.09 -11.92
N GLY A 32 -6.24 -13.37 -11.68
CA GLY A 32 -6.18 -13.91 -10.33
C GLY A 32 -4.88 -14.60 -9.96
N ASN A 33 -4.91 -15.20 -8.79
CA ASN A 33 -3.76 -15.88 -8.21
C ASN A 33 -3.26 -16.99 -9.14
N SER A 34 -2.01 -16.87 -9.59
CA SER A 34 -1.36 -17.88 -10.41
C SER A 34 -1.92 -17.98 -11.83
N SER A 35 -2.57 -16.91 -12.26
N SER A 35 -2.65 -16.96 -12.27
CA SER A 35 -3.09 -16.83 -13.61
CA SER A 35 -3.06 -16.91 -13.66
C SER A 35 -2.27 -15.85 -14.45
C SER A 35 -2.31 -15.79 -14.38
N SER A 36 -2.88 -15.29 -15.49
CA SER A 36 -2.26 -14.23 -16.25
C SER A 36 -3.32 -13.55 -17.08
N GLY A 37 -2.99 -12.39 -17.66
CA GLY A 37 -3.94 -11.70 -18.52
C GLY A 37 -4.36 -12.49 -19.74
N ALA A 38 -3.57 -13.49 -20.12
CA ALA A 38 -3.92 -14.35 -21.25
C ALA A 38 -5.26 -15.06 -21.04
N ILE A 39 -5.66 -15.20 -19.78
CA ILE A 39 -6.90 -15.87 -19.44
C ILE A 39 -8.13 -15.12 -19.95
N PHE A 40 -7.95 -13.83 -20.24
CA PHE A 40 -9.03 -12.98 -20.69
C PHE A 40 -9.16 -12.96 -22.21
N ALA A 41 -8.62 -13.97 -22.87
CA ALA A 41 -8.78 -14.13 -24.31
C ALA A 41 -10.20 -13.90 -24.82
N PRO A 42 -11.24 -14.42 -24.13
CA PRO A 42 -12.58 -14.21 -24.70
C PRO A 42 -12.96 -12.74 -24.78
N GLN A 43 -12.52 -11.94 -23.82
CA GLN A 43 -12.81 -10.51 -23.82
C GLN A 43 -11.86 -9.75 -24.73
N LEU A 44 -10.57 -10.04 -24.66
CA LEU A 44 -9.60 -9.38 -25.51
C LEU A 44 -9.92 -9.54 -26.98
N GLU A 45 -10.29 -10.76 -27.38
CA GLU A 45 -10.45 -11.11 -28.79
C GLU A 45 -11.89 -11.02 -29.27
N GLY A 46 -12.83 -10.86 -28.35
CA GLY A 46 -14.23 -10.87 -28.69
C GLY A 46 -14.87 -9.50 -28.78
N GLU A 47 -16.19 -9.47 -28.64
CA GLU A 47 -16.93 -8.23 -28.80
C GLU A 47 -16.54 -7.14 -27.79
N ILE A 48 -16.11 -7.54 -26.58
CA ILE A 48 -15.73 -6.55 -25.60
C ILE A 48 -14.49 -5.79 -26.09
N GLY A 49 -13.45 -6.54 -26.45
CA GLY A 49 -12.21 -5.96 -26.93
C GLY A 49 -12.28 -5.31 -28.29
N LYS A 50 -13.26 -5.66 -29.09
CA LYS A 50 -13.43 -4.99 -30.36
C LYS A 50 -13.97 -3.60 -30.20
N LYS A 51 -14.76 -3.36 -29.17
CA LYS A 51 -15.35 -2.05 -28.94
C LYS A 51 -14.51 -1.20 -27.99
N TRP A 52 -14.13 -1.80 -26.86
CA TRP A 52 -13.45 -1.08 -25.79
C TRP A 52 -11.96 -1.41 -25.79
N ARG A 53 -11.17 -0.48 -25.26
CA ARG A 53 -9.73 -0.70 -25.13
C ARG A 53 -9.47 -1.57 -23.91
N VAL A 54 -9.39 -2.86 -24.14
CA VAL A 54 -9.19 -3.81 -23.05
C VAL A 54 -7.70 -3.98 -22.79
N ILE A 55 -7.31 -3.79 -21.53
CA ILE A 55 -5.91 -3.84 -21.09
C ILE A 55 -5.79 -4.96 -20.06
N ALA A 56 -4.98 -5.97 -20.38
CA ALA A 56 -4.85 -7.15 -19.52
C ALA A 56 -3.38 -7.42 -19.24
N PRO A 57 -2.85 -6.82 -18.17
CA PRO A 57 -1.44 -7.03 -17.82
C PRO A 57 -1.21 -8.33 -17.07
N ASP A 58 0.05 -8.72 -16.92
CA ASP A 58 0.41 -9.79 -16.02
C ASP A 58 1.00 -9.21 -14.76
N LEU A 59 0.46 -9.63 -13.62
CA LEU A 59 1.03 -9.20 -12.36
C LEU A 59 2.50 -9.63 -12.27
N PRO A 60 3.31 -8.88 -11.50
CA PRO A 60 4.66 -9.36 -11.20
C PRO A 60 4.60 -10.81 -10.71
N GLY A 61 5.57 -11.60 -11.13
CA GLY A 61 5.61 -13.00 -10.74
C GLY A 61 4.66 -13.91 -11.50
N HIS A 62 3.92 -13.34 -12.45
CA HIS A 62 2.91 -14.07 -13.21
C HIS A 62 3.08 -13.90 -14.70
N GLY A 63 2.61 -14.90 -15.44
CA GLY A 63 2.57 -14.82 -16.89
C GLY A 63 3.91 -14.46 -17.53
N LYS A 64 3.89 -13.49 -18.40
CA LYS A 64 5.06 -13.05 -19.12
C LYS A 64 5.79 -11.86 -18.44
N SER A 65 5.28 -11.43 -17.30
CA SER A 65 6.00 -10.45 -16.49
C SER A 65 7.17 -11.11 -15.81
N THR A 66 8.16 -10.32 -15.41
CA THR A 66 9.25 -10.85 -14.63
C THR A 66 8.77 -11.07 -13.19
N ASP A 67 9.52 -11.86 -12.43
CA ASP A 67 9.33 -11.90 -10.99
C ASP A 67 9.55 -10.48 -10.45
N ALA A 68 8.96 -10.20 -9.29
CA ALA A 68 9.11 -8.89 -8.67
C ALA A 68 10.57 -8.59 -8.36
N ILE A 69 10.98 -7.36 -8.62
CA ILE A 69 12.31 -6.92 -8.18
C ILE A 69 12.42 -7.10 -6.66
N ASP A 70 11.33 -6.80 -5.96
CA ASP A 70 11.27 -6.91 -4.50
C ASP A 70 9.98 -7.60 -4.08
N PRO A 71 10.03 -8.92 -3.86
CA PRO A 71 8.84 -9.68 -3.44
C PRO A 71 8.18 -9.12 -2.19
N ASP A 72 8.97 -8.56 -1.27
CA ASP A 72 8.43 -8.01 -0.03
C ASP A 72 7.58 -6.76 -0.24
N ARG A 73 7.85 -6.06 -1.33
CA ARG A 73 7.08 -4.88 -1.69
C ARG A 73 5.89 -5.25 -2.56
N SER A 74 6.09 -6.17 -3.49
CA SER A 74 5.13 -6.35 -4.59
C SER A 74 4.05 -7.40 -4.38
N TYR A 75 4.39 -8.49 -3.70
CA TYR A 75 3.48 -9.63 -3.61
C TYR A 75 2.49 -9.51 -2.46
N SER A 76 1.49 -8.66 -2.65
CA SER A 76 0.43 -8.45 -1.68
C SER A 76 -0.70 -7.75 -2.44
N MET A 77 -1.91 -7.83 -1.92
CA MET A 77 -3.02 -7.17 -2.61
C MET A 77 -2.72 -5.70 -2.85
N GLU A 78 -2.20 -5.02 -1.83
CA GLU A 78 -1.90 -3.59 -1.95
C GLU A 78 -0.66 -3.32 -2.82
N GLY A 79 0.32 -4.22 -2.80
CA GLY A 79 1.48 -4.09 -3.65
C GLY A 79 1.13 -4.25 -5.12
N TYR A 80 0.27 -5.22 -5.41
CA TYR A 80 -0.21 -5.40 -6.78
C TYR A 80 -1.04 -4.20 -7.23
N ALA A 81 -1.83 -3.62 -6.33
CA ALA A 81 -2.60 -2.42 -6.65
C ALA A 81 -1.65 -1.29 -7.00
N ASP A 82 -0.57 -1.14 -6.23
N ASP A 82 -0.55 -1.19 -6.26
CA ASP A 82 0.45 -0.17 -6.57
CA ASP A 82 0.45 -0.18 -6.55
C ASP A 82 0.96 -0.43 -7.98
C ASP A 82 1.08 -0.42 -7.92
N ALA A 83 1.36 -1.66 -8.26
CA ALA A 83 1.91 -1.98 -9.58
C ALA A 83 0.93 -1.67 -10.71
N MET A 84 -0.33 -2.02 -10.54
CA MET A 84 -1.32 -1.77 -11.60
C MET A 84 -1.56 -0.27 -11.76
N THR A 85 -1.51 0.46 -10.65
CA THR A 85 -1.65 1.91 -10.70
C THR A 85 -0.49 2.52 -11.49
N GLU A 86 0.73 2.03 -11.27
CA GLU A 86 1.90 2.52 -11.99
C GLU A 86 1.77 2.17 -13.48
N VAL A 87 1.28 0.98 -13.78
CA VAL A 87 1.05 0.60 -15.18
C VAL A 87 0.10 1.57 -15.86
N MET A 88 -1.01 1.87 -15.21
CA MET A 88 -2.00 2.75 -15.82
C MET A 88 -1.46 4.16 -16.00
N GLN A 89 -0.66 4.62 -15.06
CA GLN A 89 -0.05 5.94 -15.19
C GLN A 89 0.89 5.96 -16.40
N GLN A 90 1.66 4.89 -16.58
CA GLN A 90 2.58 4.81 -17.71
C GLN A 90 1.82 4.78 -19.04
N LEU A 91 0.65 4.15 -19.03
CA LEU A 91 -0.21 4.08 -20.21
C LEU A 91 -1.02 5.37 -20.40
N GLY A 92 -0.92 6.30 -19.45
CA GLY A 92 -1.60 7.57 -19.57
C GLY A 92 -3.12 7.52 -19.40
N ILE A 93 -3.60 6.51 -18.70
CA ILE A 93 -5.03 6.30 -18.52
C ILE A 93 -5.43 6.40 -17.06
N ALA A 94 -6.19 7.42 -16.71
CA ALA A 94 -6.56 7.67 -15.33
C ALA A 94 -7.97 7.21 -14.98
N ASP A 95 -8.78 6.92 -15.99
CA ASP A 95 -10.21 6.72 -15.75
C ASP A 95 -10.75 5.41 -16.29
N ALA A 96 -9.94 4.37 -16.23
CA ALA A 96 -10.40 3.07 -16.68
C ALA A 96 -11.55 2.58 -15.82
N VAL A 97 -12.43 1.80 -16.42
CA VAL A 97 -13.24 0.86 -15.66
C VAL A 97 -12.32 -0.30 -15.31
N VAL A 98 -12.47 -0.85 -14.10
CA VAL A 98 -11.63 -1.97 -13.67
C VAL A 98 -12.46 -3.22 -13.45
N PHE A 99 -12.02 -4.32 -14.04
CA PHE A 99 -12.58 -5.64 -13.76
C PHE A 99 -11.50 -6.45 -13.06
N GLY A 100 -11.82 -6.98 -11.89
CA GLY A 100 -10.88 -7.81 -11.15
C GLY A 100 -11.44 -9.19 -10.91
N TRP A 101 -10.65 -10.19 -11.29
CA TRP A 101 -11.03 -11.59 -11.08
C TRP A 101 -10.30 -12.17 -9.87
N SER A 102 -11.05 -12.45 -8.81
CA SER A 102 -10.59 -13.18 -7.64
C SER A 102 -9.51 -12.37 -6.93
N LEU A 103 -8.27 -12.85 -6.84
CA LEU A 103 -7.19 -12.00 -6.35
C LEU A 103 -7.26 -10.64 -7.05
N GLY A 104 -7.54 -10.63 -8.34
CA GLY A 104 -7.63 -9.38 -9.07
C GLY A 104 -8.72 -8.45 -8.59
N GLY A 105 -9.81 -9.02 -8.08
CA GLY A 105 -10.86 -8.20 -7.48
C GLY A 105 -10.42 -7.58 -6.17
N HIS A 106 -9.69 -8.34 -5.35
CA HIS A 106 -9.11 -7.78 -4.12
C HIS A 106 -8.13 -6.65 -4.46
N ILE A 107 -7.34 -6.85 -5.50
CA ILE A 107 -6.43 -5.81 -5.98
C ILE A 107 -7.22 -4.59 -6.42
N GLY A 108 -8.31 -4.78 -7.17
CA GLY A 108 -9.15 -3.68 -7.58
C GLY A 108 -9.70 -2.88 -6.41
N ILE A 109 -10.07 -3.57 -5.34
CA ILE A 109 -10.57 -2.88 -4.16
C ILE A 109 -9.46 -2.01 -3.56
N GLU A 110 -8.25 -2.55 -3.49
CA GLU A 110 -7.11 -1.76 -3.02
C GLU A 110 -6.76 -0.61 -3.96
N MET A 111 -7.13 -0.72 -5.24
CA MET A 111 -6.87 0.36 -6.19
C MET A 111 -7.81 1.53 -6.02
N ILE A 112 -8.94 1.34 -5.36
CA ILE A 112 -9.88 2.46 -5.24
C ILE A 112 -9.23 3.71 -4.65
N ALA A 113 -8.39 3.54 -3.63
CA ALA A 113 -7.72 4.66 -2.96
C ALA A 113 -6.62 5.24 -3.84
N ARG A 114 -6.02 4.41 -4.67
CA ARG A 114 -4.84 4.79 -5.45
C ARG A 114 -5.16 5.31 -6.84
N TYR A 115 -6.38 5.09 -7.29
CA TYR A 115 -6.78 5.34 -8.67
C TYR A 115 -8.16 6.02 -8.59
N PRO A 116 -8.21 7.27 -8.10
CA PRO A 116 -9.49 7.89 -7.74
C PRO A 116 -10.43 8.25 -8.90
N GLU A 117 -9.93 8.24 -10.13
CA GLU A 117 -10.81 8.52 -11.27
C GLU A 117 -11.38 7.25 -11.92
N MET A 118 -11.13 6.10 -11.27
CA MET A 118 -11.68 4.83 -11.69
C MET A 118 -13.17 5.02 -11.96
N ARG A 119 -13.65 4.61 -13.12
CA ARG A 119 -15.06 4.88 -13.43
C ARG A 119 -16.02 3.82 -12.91
N GLY A 120 -15.49 2.67 -12.51
CA GLY A 120 -16.29 1.64 -11.89
C GLY A 120 -15.39 0.46 -11.63
N LEU A 121 -15.83 -0.44 -10.76
CA LEU A 121 -15.10 -1.65 -10.44
C LEU A 121 -16.06 -2.82 -10.48
N MET A 122 -15.76 -3.83 -11.29
CA MET A 122 -16.51 -5.09 -11.26
C MET A 122 -15.62 -6.16 -10.66
N ILE A 123 -16.16 -6.89 -9.68
CA ILE A 123 -15.43 -7.97 -9.03
C ILE A 123 -16.14 -9.31 -9.19
N THR A 124 -15.36 -10.31 -9.59
CA THR A 124 -15.85 -11.66 -9.86
C THR A 124 -14.92 -12.63 -9.15
N GLY A 125 -15.48 -13.53 -8.36
CA GLY A 125 -14.67 -14.49 -7.60
C GLY A 125 -14.03 -13.89 -6.37
N THR A 126 -14.61 -12.79 -5.88
CA THR A 126 -14.03 -11.95 -4.85
C THR A 126 -15.07 -11.58 -3.80
N PRO A 127 -14.94 -12.12 -2.58
CA PRO A 127 -15.77 -11.65 -1.47
C PRO A 127 -15.03 -10.54 -0.71
N PRO A 128 -15.56 -9.30 -0.66
CA PRO A 128 -14.87 -8.30 0.13
C PRO A 128 -14.96 -8.72 1.58
N VAL A 129 -13.80 -8.94 2.20
CA VAL A 129 -13.75 -9.41 3.58
C VAL A 129 -12.68 -8.70 4.36
N ALA A 130 -12.98 -8.42 5.62
CA ALA A 130 -11.97 -8.07 6.60
C ALA A 130 -11.19 -9.35 6.89
N ARG A 131 -9.98 -9.22 7.42
N ARG A 131 -9.98 -9.18 7.44
CA ARG A 131 -9.15 -10.40 7.63
CA ARG A 131 -9.10 -10.31 7.72
C ARG A 131 -9.84 -11.45 8.50
C ARG A 131 -9.78 -11.41 8.52
N GLU A 132 -10.62 -11.02 9.47
CA GLU A 132 -11.26 -11.94 10.39
C GLU A 132 -12.45 -12.66 9.75
N GLU A 133 -12.81 -12.27 8.53
CA GLU A 133 -14.02 -12.78 7.87
C GLU A 133 -13.71 -13.81 6.78
N VAL A 134 -12.46 -14.26 6.71
CA VAL A 134 -12.06 -15.15 5.63
C VAL A 134 -12.91 -16.42 5.56
N GLY A 135 -13.19 -17.02 6.71
CA GLY A 135 -14.01 -18.23 6.76
C GLY A 135 -15.43 -17.97 6.30
N GLN A 136 -15.94 -16.77 6.52
CA GLN A 136 -17.28 -16.42 6.06
C GLN A 136 -17.34 -16.18 4.55
N GLY A 137 -16.27 -15.62 3.99
CA GLY A 137 -16.29 -15.24 2.58
C GLY A 137 -15.91 -16.34 1.61
N PHE A 138 -15.11 -17.29 2.07
CA PHE A 138 -14.59 -18.37 1.24
C PHE A 138 -15.02 -19.72 1.75
N LYS A 139 -15.26 -20.64 0.82
CA LYS A 139 -15.56 -22.03 1.16
C LYS A 139 -14.29 -22.80 1.47
N SER A 140 -14.36 -23.62 2.52
CA SER A 140 -13.26 -24.51 2.89
C SER A 140 -13.09 -25.67 1.91
N GLY A 141 -11.84 -26.01 1.60
CA GLY A 141 -11.54 -27.11 0.71
C GLY A 141 -10.04 -27.21 0.45
N PRO A 142 -9.62 -28.27 -0.26
CA PRO A 142 -8.22 -28.62 -0.51
C PRO A 142 -7.52 -27.69 -1.51
N ASP A 143 -8.28 -27.11 -2.45
CA ASP A 143 -7.67 -26.23 -3.43
C ASP A 143 -7.48 -24.83 -2.86
N MET A 144 -8.26 -24.52 -1.84
CA MET A 144 -8.12 -23.25 -1.15
C MET A 144 -6.78 -23.16 -0.45
N ALA A 145 -6.34 -24.25 0.16
CA ALA A 145 -5.05 -24.27 0.82
C ALA A 145 -3.94 -23.91 -0.16
N LEU A 146 -4.16 -24.26 -1.42
CA LEU A 146 -3.14 -24.02 -2.44
C LEU A 146 -2.91 -22.52 -2.69
N ALA A 147 -3.93 -21.70 -2.42
CA ALA A 147 -3.84 -20.26 -2.67
C ALA A 147 -2.61 -19.62 -2.04
N GLY A 148 -2.19 -20.13 -0.88
CA GLY A 148 -1.06 -19.56 -0.16
C GLY A 148 0.13 -20.50 -0.08
N GLN A 149 0.12 -21.55 -0.90
CA GLN A 149 1.19 -22.54 -0.86
C GLN A 149 2.29 -22.23 -1.87
N GLU A 150 3.52 -22.08 -1.41
CA GLU A 150 4.61 -21.71 -2.31
C GLU A 150 4.90 -22.74 -3.39
N ILE A 151 5.14 -24.00 -2.99
CA ILE A 151 5.56 -25.01 -3.95
C ILE A 151 4.38 -25.82 -4.47
N PHE A 152 4.21 -25.82 -5.79
CA PHE A 152 3.20 -26.65 -6.44
C PHE A 152 3.85 -27.86 -7.09
N SER A 153 3.34 -29.04 -6.75
CA SER A 153 3.64 -30.24 -7.53
C SER A 153 2.90 -30.17 -8.87
N GLU A 154 3.26 -31.03 -9.81
N GLU A 154 3.24 -31.04 -9.80
CA GLU A 154 2.58 -31.09 -11.10
CA GLU A 154 2.57 -31.05 -11.10
C GLU A 154 1.08 -31.30 -10.87
C GLU A 154 1.12 -31.50 -10.99
N ARG A 155 0.76 -32.08 -9.85
CA ARG A 155 -0.61 -32.41 -9.52
C ARG A 155 -1.33 -31.20 -8.94
N ASP A 156 -0.62 -30.44 -8.11
CA ASP A 156 -1.14 -29.20 -7.55
C ASP A 156 -1.50 -28.24 -8.68
N VAL A 157 -0.59 -28.14 -9.66
CA VAL A 157 -0.79 -27.25 -10.80
C VAL A 157 -2.10 -27.59 -11.49
N GLU A 158 -2.33 -28.87 -11.74
CA GLU A 158 -3.54 -29.30 -12.44
C GLU A 158 -4.80 -29.08 -11.60
N SER A 159 -4.74 -29.44 -10.32
CA SER A 159 -5.89 -29.28 -9.44
C SER A 159 -6.27 -27.79 -9.32
N TYR A 160 -5.28 -26.94 -9.15
CA TYR A 160 -5.53 -25.52 -9.00
C TYR A 160 -6.11 -24.95 -10.30
N ALA A 161 -5.51 -25.33 -11.42
CA ALA A 161 -5.98 -24.85 -12.72
C ALA A 161 -7.42 -25.26 -12.98
N ARG A 162 -7.76 -26.50 -12.67
CA ARG A 162 -9.12 -26.97 -12.91
C ARG A 162 -10.18 -26.29 -12.03
N SER A 163 -9.89 -26.13 -10.75
N SER A 163 -9.88 -26.11 -10.75
CA SER A 163 -10.85 -25.53 -9.83
CA SER A 163 -10.84 -25.53 -9.81
C SER A 163 -11.02 -24.03 -10.10
C SER A 163 -10.99 -24.02 -9.94
N THR A 164 -9.94 -23.34 -10.36
CA THR A 164 -9.98 -21.89 -10.49
C THR A 164 -10.46 -21.44 -11.87
N CYS A 165 -10.00 -22.11 -12.93
CA CYS A 165 -10.37 -21.69 -14.27
C CYS A 165 -11.63 -22.39 -14.78
N GLY A 166 -11.95 -23.54 -14.22
CA GLY A 166 -13.17 -24.24 -14.57
C GLY A 166 -13.24 -24.74 -16.01
N GLU A 167 -14.46 -24.99 -16.47
CA GLU A 167 -14.67 -25.56 -17.80
C GLU A 167 -14.63 -24.49 -18.87
N PRO A 168 -13.90 -24.73 -19.97
CA PRO A 168 -13.17 -25.97 -20.29
C PRO A 168 -11.71 -25.91 -19.84
N PHE A 169 -11.17 -27.05 -19.44
CA PHE A 169 -9.75 -27.13 -19.14
C PHE A 169 -8.92 -27.21 -20.41
N GLU A 170 -7.83 -26.46 -20.47
CA GLU A 170 -6.89 -26.52 -21.58
C GLU A 170 -5.47 -26.67 -21.05
N ALA A 171 -4.64 -27.41 -21.78
CA ALA A 171 -3.27 -27.68 -21.36
C ALA A 171 -2.49 -26.37 -21.11
N SER A 172 -2.78 -25.35 -21.90
CA SER A 172 -2.09 -24.07 -21.76
C SER A 172 -2.26 -23.45 -20.37
N LEU A 173 -3.34 -23.81 -19.68
CA LEU A 173 -3.56 -23.31 -18.33
C LEU A 173 -2.48 -23.80 -17.36
N LEU A 174 -2.01 -25.02 -17.57
CA LEU A 174 -0.96 -25.58 -16.74
C LEU A 174 0.32 -24.74 -16.85
N ASP A 175 0.64 -24.31 -18.06
CA ASP A 175 1.85 -23.50 -18.27
C ASP A 175 1.79 -22.18 -17.50
N ILE A 176 0.63 -21.54 -17.51
CA ILE A 176 0.45 -20.28 -16.79
C ILE A 176 0.65 -20.48 -15.28
N VAL A 177 -0.05 -21.47 -14.72
CA VAL A 177 0.01 -21.72 -13.28
C VAL A 177 1.40 -22.16 -12.85
N ALA A 178 2.03 -23.04 -13.63
CA ALA A 178 3.36 -23.55 -13.29
C ALA A 178 4.43 -22.45 -13.28
N ARG A 179 4.25 -21.43 -14.12
CA ARG A 179 5.24 -20.35 -14.20
C ARG A 179 5.29 -19.52 -12.93
N THR A 180 4.12 -19.31 -12.32
CA THR A 180 3.97 -18.39 -11.20
C THR A 180 5.07 -18.56 -10.16
N ASP A 181 5.68 -17.43 -9.79
CA ASP A 181 6.61 -17.38 -8.67
C ASP A 181 5.85 -17.77 -7.39
N GLY A 182 6.13 -18.95 -6.86
CA GLY A 182 5.40 -19.44 -5.71
C GLY A 182 5.53 -18.59 -4.45
N ARG A 183 6.59 -17.79 -4.39
CA ARG A 183 6.76 -16.88 -3.26
C ARG A 183 5.60 -15.90 -3.21
N ALA A 184 5.04 -15.58 -4.38
CA ALA A 184 3.93 -14.63 -4.44
C ALA A 184 2.68 -15.18 -3.78
N ARG A 185 2.43 -16.47 -3.93
CA ARG A 185 1.30 -17.09 -3.25
C ARG A 185 1.44 -17.01 -1.74
N ARG A 186 2.59 -17.45 -1.24
N ARG A 186 2.59 -17.44 -1.23
CA ARG A 186 2.83 -17.51 0.20
CA ARG A 186 2.79 -17.50 0.21
C ARG A 186 2.78 -16.15 0.86
C ARG A 186 2.73 -16.12 0.84
N ILE A 187 3.46 -15.18 0.26
CA ILE A 187 3.55 -13.84 0.85
C ILE A 187 2.21 -13.11 0.77
N MET A 188 1.56 -13.14 -0.38
CA MET A 188 0.28 -12.45 -0.52
C MET A 188 -0.73 -12.99 0.51
N PHE A 189 -0.78 -14.31 0.66
CA PHE A 189 -1.76 -14.92 1.54
C PHE A 189 -1.49 -14.56 2.99
N GLU A 190 -0.22 -14.61 3.38
CA GLU A 190 0.15 -14.23 4.74
C GLU A 190 -0.21 -12.78 5.04
N LYS A 191 0.05 -11.89 4.09
CA LYS A 191 -0.21 -10.47 4.31
C LYS A 191 -1.70 -10.15 4.35
N PHE A 192 -2.47 -10.88 3.55
CA PHE A 192 -3.93 -10.76 3.54
C PHE A 192 -4.50 -11.11 4.91
N GLY A 193 -4.06 -12.24 5.48
CA GLY A 193 -4.54 -12.66 6.79
C GLY A 193 -4.06 -11.74 7.89
N SER A 194 -2.94 -11.06 7.66
CA SER A 194 -2.37 -10.13 8.64
C SER A 194 -2.95 -8.71 8.55
N GLY A 195 -3.78 -8.44 7.56
CA GLY A 195 -4.40 -7.13 7.44
C GLY A 195 -3.40 -6.01 7.12
N THR A 196 -2.43 -6.29 6.26
CA THR A 196 -1.40 -5.30 5.97
C THR A 196 -1.93 -4.17 5.09
N GLY A 197 -3.01 -4.41 4.36
CA GLY A 197 -3.61 -3.40 3.52
C GLY A 197 -4.92 -2.91 4.10
N GLY A 198 -5.65 -2.13 3.31
CA GLY A 198 -6.90 -1.54 3.78
C GLY A 198 -7.97 -2.59 4.00
N ASN A 199 -8.82 -2.36 5.00
CA ASN A 199 -9.93 -3.25 5.33
C ASN A 199 -10.95 -3.23 4.18
N GLN A 200 -11.07 -4.33 3.46
CA GLN A 200 -11.85 -4.35 2.23
C GLN A 200 -13.34 -4.26 2.45
N ARG A 201 -13.80 -4.73 3.60
CA ARG A 201 -15.20 -4.60 3.96
C ARG A 201 -15.55 -3.12 4.08
N ASP A 202 -14.73 -2.36 4.81
CA ASP A 202 -15.00 -0.93 4.98
C ASP A 202 -14.83 -0.17 3.68
N ILE A 203 -13.81 -0.55 2.91
N ILE A 203 -13.81 -0.53 2.90
CA ILE A 203 -13.50 0.11 1.65
CA ILE A 203 -13.55 0.19 1.67
C ILE A 203 -14.65 0.06 0.64
C ILE A 203 -14.75 0.10 0.74
N VAL A 204 -15.30 -1.09 0.55
CA VAL A 204 -16.42 -1.22 -0.40
C VAL A 204 -17.70 -0.60 0.15
N ALA A 205 -17.86 -0.59 1.47
CA ALA A 205 -19.02 0.05 2.08
C ALA A 205 -19.01 1.55 1.86
N GLU A 206 -17.83 2.13 1.83
CA GLU A 206 -17.69 3.58 1.81
C GLU A 206 -17.40 4.13 0.41
N ALA A 207 -17.02 3.26 -0.52
CA ALA A 207 -16.70 3.66 -1.89
C ALA A 207 -17.94 4.17 -2.60
N GLN A 208 -17.79 5.31 -3.30
CA GLN A 208 -18.90 5.95 -3.97
C GLN A 208 -19.03 5.56 -5.44
N LEU A 209 -17.96 5.03 -6.03
CA LEU A 209 -18.03 4.61 -7.43
C LEU A 209 -18.91 3.37 -7.57
N PRO A 210 -19.45 3.14 -8.78
CA PRO A 210 -20.25 1.92 -8.97
C PRO A 210 -19.37 0.68 -8.80
N ILE A 211 -19.85 -0.23 -7.96
CA ILE A 211 -19.19 -1.53 -7.84
C ILE A 211 -20.19 -2.59 -8.27
N ALA A 212 -19.78 -3.40 -9.25
CA ALA A 212 -20.58 -4.49 -9.76
C ALA A 212 -20.01 -5.81 -9.26
N VAL A 213 -20.91 -6.74 -8.94
CA VAL A 213 -20.52 -8.03 -8.41
C VAL A 213 -21.18 -9.13 -9.26
N VAL A 214 -20.36 -9.95 -9.89
CA VAL A 214 -20.86 -10.98 -10.81
C VAL A 214 -20.10 -12.27 -10.52
N ASN A 215 -20.84 -13.33 -10.23
CA ASN A 215 -20.23 -14.63 -9.92
C ASN A 215 -20.94 -15.78 -10.59
N GLY A 216 -20.19 -16.84 -10.86
CA GLY A 216 -20.79 -18.12 -11.22
C GLY A 216 -21.44 -18.80 -10.03
N ARG A 217 -22.62 -19.38 -10.26
N ARG A 217 -22.61 -19.38 -10.27
CA ARG A 217 -23.39 -19.99 -9.18
CA ARG A 217 -23.40 -20.01 -9.22
C ARG A 217 -22.68 -21.19 -8.56
C ARG A 217 -22.68 -21.18 -8.56
N ASP A 218 -21.84 -21.86 -9.33
CA ASP A 218 -21.26 -23.13 -8.89
C ASP A 218 -19.76 -23.10 -8.62
N GLY A 219 -19.22 -21.90 -8.39
CA GLY A 219 -17.81 -21.77 -8.06
C GLY A 219 -17.44 -22.42 -6.74
N PRO A 220 -16.25 -23.02 -6.69
CA PRO A 220 -15.90 -23.74 -5.46
C PRO A 220 -15.32 -22.87 -4.34
N PHE A 221 -15.16 -21.57 -4.56
CA PHE A 221 -14.43 -20.73 -3.61
C PHE A 221 -15.26 -19.69 -2.86
N VAL A 222 -16.17 -19.01 -3.53
CA VAL A 222 -16.86 -17.86 -2.94
C VAL A 222 -18.18 -18.26 -2.27
N GLU A 223 -18.39 -17.80 -1.04
CA GLU A 223 -19.67 -17.96 -0.38
C GLU A 223 -20.64 -16.89 -0.91
N LEU A 224 -21.53 -17.30 -1.81
CA LEU A 224 -22.40 -16.36 -2.51
C LEU A 224 -23.43 -15.69 -1.59
N ASP A 225 -23.92 -16.39 -0.58
N ASP A 225 -23.94 -16.43 -0.62
CA ASP A 225 -24.88 -15.78 0.33
CA ASP A 225 -24.84 -15.87 0.37
C ASP A 225 -24.23 -14.74 1.24
C ASP A 225 -24.17 -14.70 1.06
N PHE A 226 -22.96 -14.92 1.56
CA PHE A 226 -22.20 -13.90 2.26
C PHE A 226 -22.02 -12.68 1.37
N VAL A 227 -21.61 -12.92 0.12
CA VAL A 227 -21.38 -11.83 -0.82
C VAL A 227 -22.67 -11.02 -1.04
N SER A 228 -23.82 -11.69 -1.11
CA SER A 228 -25.09 -11.00 -1.30
C SER A 228 -25.50 -10.13 -0.12
N LYS A 229 -24.81 -10.27 1.00
CA LYS A 229 -25.10 -9.47 2.20
C LYS A 229 -24.08 -8.37 2.47
N VAL A 230 -23.00 -8.34 1.69
CA VAL A 230 -21.99 -7.31 1.86
C VAL A 230 -22.56 -5.93 1.55
N LYS A 231 -22.25 -4.96 2.40
CA LYS A 231 -22.67 -3.58 2.17
C LYS A 231 -21.74 -2.88 1.19
N PHE A 232 -22.30 -2.34 0.11
CA PHE A 232 -21.56 -1.56 -0.87
C PHE A 232 -22.12 -0.15 -0.89
N GLY A 233 -21.25 0.83 -1.05
CA GLY A 233 -21.69 2.21 -1.13
C GLY A 233 -22.61 2.46 -2.31
N ASN A 234 -22.30 1.82 -3.44
CA ASN A 234 -23.02 2.05 -4.69
C ASN A 234 -23.02 0.78 -5.51
N LEU A 235 -23.90 -0.16 -5.16
CA LEU A 235 -23.93 -1.48 -5.77
C LEU A 235 -24.65 -1.40 -7.11
N TRP A 236 -23.94 -1.76 -8.17
CA TRP A 236 -24.47 -1.63 -9.51
C TRP A 236 -25.71 -2.51 -9.70
N GLU A 237 -26.80 -1.86 -10.13
CA GLU A 237 -28.11 -2.51 -10.32
C GLU A 237 -28.68 -3.06 -9.03
N GLY A 238 -28.13 -2.62 -7.90
CA GLY A 238 -28.74 -2.85 -6.59
C GLY A 238 -28.70 -4.26 -6.05
N LYS A 239 -27.95 -5.18 -6.66
CA LYS A 239 -27.81 -6.54 -6.17
C LYS A 239 -26.52 -7.15 -6.71
N THR A 240 -26.15 -8.24 -6.10
CA THR A 240 -25.06 -9.06 -6.62
C THR A 240 -25.67 -10.02 -7.64
N HIS A 241 -24.92 -10.32 -8.70
CA HIS A 241 -25.42 -11.09 -9.82
C HIS A 241 -24.80 -12.47 -9.87
N VAL A 242 -25.60 -13.45 -10.26
CA VAL A 242 -25.17 -14.83 -10.31
C VAL A 242 -25.49 -15.43 -11.69
N ILE A 243 -24.50 -16.07 -12.28
CA ILE A 243 -24.63 -16.73 -13.57
C ILE A 243 -24.72 -18.24 -13.38
N ASP A 244 -25.83 -18.83 -13.83
CA ASP A 244 -26.04 -20.27 -13.70
C ASP A 244 -25.06 -21.03 -14.60
N ASN A 245 -24.77 -22.27 -14.23
CA ASN A 245 -23.93 -23.14 -15.05
C ASN A 245 -22.55 -22.54 -15.30
N ALA A 246 -22.00 -21.89 -14.27
CA ALA A 246 -20.67 -21.34 -14.34
C ALA A 246 -20.06 -21.44 -12.96
N GLY A 247 -18.74 -21.58 -12.92
CA GLY A 247 -18.02 -21.66 -11.66
C GLY A 247 -17.30 -20.36 -11.35
N HIS A 248 -16.04 -20.50 -10.96
CA HIS A 248 -15.24 -19.39 -10.48
C HIS A 248 -14.87 -18.37 -11.56
N ALA A 249 -14.90 -18.81 -12.81
CA ALA A 249 -14.42 -18.00 -13.93
C ALA A 249 -15.49 -17.85 -15.02
N PRO A 250 -16.60 -17.16 -14.71
CA PRO A 250 -17.70 -17.10 -15.69
C PRO A 250 -17.31 -16.38 -16.99
N PHE A 251 -16.31 -15.52 -16.95
CA PHE A 251 -15.86 -14.84 -18.17
C PHE A 251 -15.33 -15.81 -19.23
N ARG A 252 -14.93 -17.02 -18.81
CA ARG A 252 -14.50 -18.02 -19.80
C ARG A 252 -15.48 -19.20 -19.89
N GLU A 253 -16.18 -19.49 -18.82
CA GLU A 253 -17.12 -20.60 -18.75
CA GLU A 253 -17.13 -20.60 -18.75
C GLU A 253 -18.46 -20.26 -19.42
N ALA A 254 -18.86 -19.00 -19.31
CA ALA A 254 -20.11 -18.51 -19.88
C ALA A 254 -19.88 -17.14 -20.49
N PRO A 255 -19.07 -17.07 -21.54
CA PRO A 255 -18.62 -15.74 -22.00
C PRO A 255 -19.74 -14.81 -22.43
N ALA A 256 -20.74 -15.31 -23.14
CA ALA A 256 -21.80 -14.45 -23.61
C ALA A 256 -22.57 -13.80 -22.46
N GLU A 257 -22.91 -14.59 -21.44
N GLU A 257 -22.94 -14.62 -21.47
CA GLU A 257 -23.69 -14.06 -20.32
CA GLU A 257 -23.68 -14.10 -20.32
C GLU A 257 -22.83 -13.13 -19.45
C GLU A 257 -22.82 -13.12 -19.54
N PHE A 258 -21.58 -13.49 -19.27
CA PHE A 258 -20.67 -12.62 -18.53
C PHE A 258 -20.49 -11.30 -19.29
N ASP A 259 -20.24 -11.39 -20.59
CA ASP A 259 -20.02 -10.20 -21.41
C ASP A 259 -21.24 -9.28 -21.42
N ALA A 260 -22.43 -9.84 -21.29
CA ALA A 260 -23.63 -8.99 -21.22
C ALA A 260 -23.53 -8.08 -20.00
N TYR A 261 -23.18 -8.65 -18.85
CA TYR A 261 -22.99 -7.83 -17.65
C TYR A 261 -21.86 -6.84 -17.82
N LEU A 262 -20.71 -7.30 -18.30
CA LEU A 262 -19.54 -6.43 -18.42
C LEU A 262 -19.81 -5.27 -19.37
N ALA A 263 -20.38 -5.56 -20.54
CA ALA A 263 -20.67 -4.50 -21.51
C ALA A 263 -21.66 -3.49 -20.94
N ARG A 264 -22.69 -3.96 -20.26
CA ARG A 264 -23.69 -3.04 -19.72
C ARG A 264 -23.06 -2.17 -18.63
N PHE A 265 -22.21 -2.77 -17.80
CA PHE A 265 -21.52 -2.03 -16.75
C PHE A 265 -20.59 -0.96 -17.35
N ILE A 266 -19.81 -1.32 -18.36
CA ILE A 266 -18.95 -0.35 -19.01
C ILE A 266 -19.77 0.80 -19.60
N ARG A 267 -20.84 0.48 -20.33
CA ARG A 267 -21.72 1.50 -20.90
C ARG A 267 -22.22 2.41 -19.79
N ASP A 268 -22.71 1.81 -18.70
CA ASP A 268 -23.25 2.60 -17.60
C ASP A 268 -22.20 3.53 -17.00
N CYS A 269 -20.96 3.06 -16.87
CA CYS A 269 -19.92 3.83 -16.18
C CYS A 269 -19.25 4.85 -17.07
N THR A 270 -19.44 4.77 -18.38
CA THR A 270 -18.69 5.61 -19.30
C THR A 270 -19.52 6.39 -20.30
N GLN A 271 -20.75 5.97 -20.56
CA GLN A 271 -21.54 6.61 -21.59
C GLN A 271 -22.89 7.10 -21.11
N LEU A 272 -23.02 7.30 -19.82
CA LEU A 272 -24.19 7.99 -19.31
C LEU A 272 -23.75 9.37 -18.84
N GLU A 273 -24.64 10.34 -18.98
CA GLU A 273 -24.35 11.70 -18.54
C GLU A 273 -24.10 11.71 -17.05
N HIS A 274 -22.93 12.20 -16.64
CA HIS A 274 -22.57 12.14 -15.23
C HIS A 274 -23.05 13.36 -14.46
N HIS A 275 -23.76 13.14 -13.38
CA HIS A 275 -24.19 14.13 -12.44
C HIS A 275 -23.88 13.69 -11.05
N HIS A 276 -23.49 14.59 -10.16
CA HIS A 276 -23.03 14.09 -8.89
C HIS A 276 -24.24 13.80 -8.12
N ILE B 3 28.07 15.64 4.76
CA ILE B 3 26.88 14.90 4.38
C ILE B 3 26.87 14.61 2.88
N ASN B 4 26.65 13.36 2.53
N ASN B 4 26.64 13.36 2.53
CA ASN B 4 26.55 12.97 1.13
CA ASN B 4 26.55 12.95 1.12
C ASN B 4 25.12 13.18 0.65
C ASN B 4 25.13 13.09 0.60
N TYR B 5 24.97 13.89 -0.46
CA TYR B 5 23.67 14.15 -1.02
C TYR B 5 23.57 13.47 -2.37
N HIS B 6 22.47 12.77 -2.60
CA HIS B 6 22.19 12.28 -3.94
C HIS B 6 20.69 12.08 -4.15
N GLU B 7 20.32 11.70 -5.37
CA GLU B 7 18.91 11.61 -5.73
C GLU B 7 18.63 10.27 -6.42
N LEU B 8 17.48 9.68 -6.12
CA LEU B 8 17.08 8.40 -6.69
C LEU B 8 15.81 8.54 -7.51
N GLU B 9 15.76 7.91 -8.68
CA GLU B 9 14.54 7.86 -9.46
C GLU B 9 13.68 6.68 -9.02
N THR B 10 12.49 6.99 -8.52
CA THR B 10 11.58 5.98 -8.01
C THR B 10 10.23 6.13 -8.69
N SER B 11 9.33 5.20 -8.42
CA SER B 11 8.01 5.25 -9.03
C SER B 11 7.22 6.44 -8.50
N HIS B 12 7.75 7.10 -7.49
CA HIS B 12 7.05 8.24 -6.88
C HIS B 12 7.62 9.58 -7.32
N GLY B 13 8.70 9.54 -8.08
CA GLY B 13 9.39 10.76 -8.46
C GLY B 13 10.85 10.69 -8.06
N ARG B 14 11.53 11.82 -8.18
N ARG B 14 11.53 11.82 -8.15
CA ARG B 14 12.93 11.90 -7.81
CA ARG B 14 12.96 11.84 -7.87
C ARG B 14 13.01 12.14 -6.31
C ARG B 14 13.17 12.24 -6.41
N ILE B 15 13.72 11.27 -5.62
N ILE B 15 13.63 11.28 -5.61
CA ILE B 15 13.80 11.33 -4.17
CA ILE B 15 13.72 11.44 -4.17
C ILE B 15 15.18 11.80 -3.73
C ILE B 15 15.12 11.81 -3.74
N ALA B 16 15.23 12.91 -3.00
CA ALA B 16 16.51 13.37 -2.46
C ALA B 16 16.86 12.55 -1.22
N VAL B 17 18.16 12.22 -1.10
CA VAL B 17 18.63 11.40 0.02
C VAL B 17 19.90 11.99 0.61
N ARG B 18 19.89 12.23 1.92
CA ARG B 18 21.11 12.61 2.64
C ARG B 18 21.66 11.41 3.38
N GLU B 19 22.96 11.21 3.32
N GLU B 19 22.97 11.24 3.36
CA GLU B 19 23.58 10.14 4.07
CA GLU B 19 23.62 10.11 4.02
C GLU B 19 24.76 10.68 4.88
C GLU B 19 24.85 10.53 4.81
N SER B 20 24.90 10.17 6.09
CA SER B 20 26.04 10.50 6.92
C SER B 20 27.25 9.69 6.49
N GLU B 21 28.38 9.98 7.12
CA GLU B 21 29.64 9.34 6.79
C GLU B 21 29.88 8.06 7.58
N GLY B 22 29.02 7.78 8.54
CA GLY B 22 29.18 6.61 9.40
C GLY B 22 29.16 5.31 8.64
N GLU B 23 29.97 4.35 9.07
CA GLU B 23 30.07 3.06 8.43
C GLU B 23 29.42 1.91 9.18
N GLY B 24 28.81 2.21 10.30
CA GLY B 24 28.09 1.21 11.07
C GLY B 24 26.72 0.88 10.48
N ALA B 25 25.94 0.13 11.23
CA ALA B 25 24.62 -0.31 10.81
C ALA B 25 23.77 0.84 10.30
N PRO B 26 22.97 0.60 9.25
CA PRO B 26 22.17 1.70 8.70
C PRO B 26 20.93 2.06 9.53
N LEU B 27 20.64 3.36 9.57
CA LEU B 27 19.47 3.92 10.22
C LEU B 27 18.73 4.77 9.21
N LEU B 28 17.51 4.39 8.84
CA LEU B 28 16.65 5.24 8.02
C LEU B 28 15.87 6.18 8.94
N MET B 29 15.99 7.50 8.71
CA MET B 29 15.19 8.49 9.45
C MET B 29 14.17 9.10 8.52
N ILE B 30 12.91 9.05 8.91
CA ILE B 30 11.79 9.51 8.08
C ILE B 30 11.16 10.74 8.74
N HIS B 31 11.20 11.86 8.03
CA HIS B 31 10.68 13.11 8.56
C HIS B 31 9.15 13.16 8.58
N GLY B 32 8.64 14.23 9.17
CA GLY B 32 7.21 14.41 9.33
C GLY B 32 6.51 15.26 8.28
N ASN B 33 5.25 15.50 8.55
CA ASN B 33 4.37 16.28 7.69
C ASN B 33 4.93 17.69 7.44
N SER B 34 5.21 17.99 6.17
CA SER B 34 5.65 19.32 5.75
C SER B 34 7.07 19.67 6.22
N SER B 35 7.84 18.65 6.55
N SER B 35 7.86 18.68 6.62
CA SER B 35 9.23 18.82 6.91
CA SER B 35 9.28 18.92 6.88
C SER B 35 10.14 18.32 5.79
C SER B 35 10.13 18.26 5.80
N SER B 36 11.37 17.93 6.14
CA SER B 36 12.27 17.30 5.20
C SER B 36 13.36 16.61 5.98
N GLY B 37 14.15 15.76 5.32
CA GLY B 37 15.26 15.11 5.99
C GLY B 37 16.32 16.06 6.52
N ALA B 38 16.33 17.29 6.04
CA ALA B 38 17.27 18.30 6.53
C ALA B 38 17.10 18.55 8.03
N ILE B 39 15.90 18.25 8.53
CA ILE B 39 15.58 18.46 9.94
C ILE B 39 16.44 17.57 10.86
N PHE B 40 17.00 16.51 10.27
CA PHE B 40 17.80 15.56 11.03
C PHE B 40 19.30 15.89 11.01
N ALA B 41 19.63 17.13 10.67
CA ALA B 41 21.00 17.64 10.76
C ALA B 41 21.73 17.20 12.06
N PRO B 42 21.06 17.32 13.22
CA PRO B 42 21.82 16.97 14.44
C PRO B 42 22.29 15.52 14.45
N GLN B 43 21.51 14.61 13.89
CA GLN B 43 21.91 13.20 13.79
C GLN B 43 22.86 12.96 12.60
N LEU B 44 22.54 13.53 11.45
CA LEU B 44 23.39 13.37 10.27
C LEU B 44 24.82 13.84 10.52
N GLU B 45 24.95 14.97 11.22
CA GLU B 45 26.25 15.63 11.39
C GLU B 45 26.90 15.37 12.74
N GLY B 46 26.19 14.73 13.66
CA GLY B 46 26.67 14.51 15.01
C GLY B 46 27.09 13.08 15.31
N GLU B 47 27.06 12.74 16.58
CA GLU B 47 27.58 11.46 17.03
C GLU B 47 26.88 10.28 16.40
N ILE B 48 25.57 10.39 16.24
CA ILE B 48 24.79 9.33 15.63
C ILE B 48 25.25 9.02 14.22
N GLY B 49 25.37 10.06 13.40
CA GLY B 49 25.78 9.91 12.02
C GLY B 49 27.26 9.62 11.82
N LYS B 50 28.06 9.92 12.84
N LYS B 50 28.07 9.89 12.84
CA LYS B 50 29.48 9.61 12.79
CA LYS B 50 29.48 9.60 12.72
C LYS B 50 29.68 8.10 12.82
C LYS B 50 29.77 8.13 12.94
N LYS B 51 28.89 7.43 13.65
CA LYS B 51 29.06 6.00 13.86
C LYS B 51 28.23 5.17 12.89
N TRP B 52 26.95 5.53 12.78
CA TRP B 52 26.00 4.75 12.00
C TRP B 52 25.74 5.40 10.66
N ARG B 53 25.36 4.59 9.67
CA ARG B 53 25.04 5.12 8.36
C ARG B 53 23.60 5.66 8.38
N VAL B 54 23.48 6.96 8.61
CA VAL B 54 22.18 7.61 8.69
C VAL B 54 21.72 8.02 7.30
N ILE B 55 20.51 7.60 6.96
CA ILE B 55 19.90 7.88 5.67
C ILE B 55 18.65 8.69 5.91
N ALA B 56 18.61 9.90 5.36
CA ALA B 56 17.48 10.80 5.61
C ALA B 56 16.93 11.32 4.29
N PRO B 57 15.95 10.62 3.72
CA PRO B 57 15.36 11.05 2.45
C PRO B 57 14.31 12.14 2.64
N ASP B 58 13.95 12.79 1.54
CA ASP B 58 12.79 13.67 1.54
C ASP B 58 11.62 12.94 0.90
N LEU B 59 10.50 12.92 1.60
CA LEU B 59 9.28 12.35 1.03
C LEU B 59 8.91 13.08 -0.26
N PRO B 60 8.29 12.37 -1.22
CA PRO B 60 7.70 13.07 -2.37
C PRO B 60 6.87 14.25 -1.89
N GLY B 61 6.95 15.35 -2.60
CA GLY B 61 6.23 16.57 -2.25
C GLY B 61 6.86 17.39 -1.15
N HIS B 62 8.02 16.94 -0.66
CA HIS B 62 8.70 17.60 0.46
C HIS B 62 10.15 17.87 0.15
N GLY B 63 10.70 18.90 0.81
CA GLY B 63 12.13 19.16 0.71
C GLY B 63 12.65 19.26 -0.70
N LYS B 64 13.72 18.51 -0.97
CA LYS B 64 14.40 18.55 -2.25
C LYS B 64 13.94 17.46 -3.20
N SER B 65 12.96 16.67 -2.79
CA SER B 65 12.36 15.70 -3.70
C SER B 65 11.40 16.41 -4.63
N THR B 66 11.07 15.77 -5.75
CA THR B 66 10.04 16.34 -6.62
C THR B 66 8.68 16.14 -5.99
N ASP B 67 7.69 16.90 -6.45
CA ASP B 67 6.32 16.53 -6.15
C ASP B 67 6.10 15.13 -6.71
N ALA B 68 5.10 14.41 -6.20
CA ALA B 68 4.82 13.06 -6.68
C ALA B 68 4.46 13.04 -8.14
N ILE B 69 4.95 12.04 -8.87
CA ILE B 69 4.49 11.83 -10.24
C ILE B 69 2.98 11.63 -10.22
N ASP B 70 2.50 10.87 -9.23
CA ASP B 70 1.07 10.59 -9.05
C ASP B 70 0.64 10.81 -7.59
N PRO B 71 0.13 12.01 -7.25
CA PRO B 71 -0.26 12.34 -5.88
C PRO B 71 -1.26 11.35 -5.27
N ASP B 72 -2.12 10.80 -6.12
CA ASP B 72 -3.17 9.88 -5.69
C ASP B 72 -2.61 8.58 -5.14
N ARG B 73 -1.42 8.21 -5.61
CA ARG B 73 -0.78 6.97 -5.19
C ARG B 73 0.43 7.18 -4.26
N SER B 74 0.88 8.42 -4.12
CA SER B 74 2.04 8.69 -3.28
C SER B 74 1.75 9.33 -1.93
N TYR B 75 0.79 10.24 -1.87
CA TYR B 75 0.59 11.04 -0.67
C TYR B 75 -0.37 10.35 0.28
N SER B 76 0.11 9.31 0.93
CA SER B 76 -0.65 8.59 1.96
C SER B 76 0.40 7.88 2.76
N MET B 77 0.05 7.51 3.99
CA MET B 77 1.00 6.83 4.84
C MET B 77 1.56 5.59 4.15
N GLU B 78 0.68 4.83 3.52
CA GLU B 78 1.11 3.62 2.83
C GLU B 78 1.86 3.90 1.52
N GLY B 79 1.50 4.97 0.82
CA GLY B 79 2.23 5.39 -0.36
C GLY B 79 3.64 5.85 -0.04
N TYR B 80 3.78 6.62 1.04
CA TYR B 80 5.10 7.04 1.49
C TYR B 80 5.94 5.84 1.94
N ALA B 81 5.29 4.87 2.60
CA ALA B 81 5.99 3.66 3.01
C ALA B 81 6.51 2.90 1.80
N ASP B 82 5.69 2.85 0.74
CA ASP B 82 6.11 2.23 -0.50
C ASP B 82 7.33 2.96 -1.09
N ALA B 83 7.29 4.29 -1.08
CA ALA B 83 8.40 5.07 -1.58
C ALA B 83 9.68 4.77 -0.81
N MET B 84 9.58 4.73 0.52
CA MET B 84 10.77 4.47 1.33
C MET B 84 11.30 3.05 1.12
N THR B 85 10.39 2.12 0.88
CA THR B 85 10.78 0.75 0.54
C THR B 85 11.56 0.70 -0.76
N GLU B 86 11.13 1.47 -1.76
CA GLU B 86 11.91 1.60 -3.00
C GLU B 86 13.27 2.19 -2.75
N VAL B 87 13.33 3.24 -1.95
CA VAL B 87 14.60 3.87 -1.64
C VAL B 87 15.59 2.86 -1.05
N MET B 88 15.13 2.12 -0.05
CA MET B 88 16.03 1.21 0.64
C MET B 88 16.48 0.08 -0.29
N GLN B 89 15.58 -0.38 -1.16
CA GLN B 89 15.93 -1.41 -2.12
C GLN B 89 17.00 -0.90 -3.09
N GLN B 90 16.86 0.34 -3.56
CA GLN B 90 17.84 0.90 -4.48
C GLN B 90 19.20 1.09 -3.80
N LEU B 91 19.17 1.33 -2.50
CA LEU B 91 20.40 1.44 -1.71
C LEU B 91 20.97 0.08 -1.32
N GLY B 92 20.24 -0.99 -1.59
CA GLY B 92 20.69 -2.34 -1.27
C GLY B 92 20.74 -2.64 0.22
N ILE B 93 19.83 -2.05 0.99
CA ILE B 93 19.79 -2.22 2.44
C ILE B 93 18.47 -2.80 2.88
N ALA B 94 18.50 -4.02 3.40
CA ALA B 94 17.29 -4.73 3.76
C ALA B 94 17.01 -4.72 5.25
N ASP B 95 18.00 -4.33 6.05
CA ASP B 95 17.92 -4.53 7.49
C ASP B 95 18.18 -3.26 8.30
N ALA B 96 17.81 -2.12 7.76
CA ALA B 96 17.94 -0.88 8.52
C ALA B 96 17.12 -0.90 9.82
N VAL B 97 17.61 -0.18 10.82
CA VAL B 97 16.76 0.29 11.89
C VAL B 97 16.04 1.52 11.32
N VAL B 98 14.79 1.73 11.70
CA VAL B 98 14.04 2.86 11.20
C VAL B 98 13.62 3.76 12.35
N PHE B 99 13.84 5.06 12.19
CA PHE B 99 13.31 6.08 13.08
C PHE B 99 12.29 6.89 12.28
N GLY B 100 11.08 7.01 12.80
CA GLY B 100 10.06 7.80 12.14
C GLY B 100 9.54 8.90 13.03
N TRP B 101 9.58 10.14 12.51
CA TRP B 101 9.12 11.29 13.25
C TRP B 101 7.72 11.69 12.80
N SER B 102 6.75 11.45 13.68
CA SER B 102 5.38 11.91 13.53
C SER B 102 4.73 11.25 12.31
N LEU B 103 4.39 12.00 11.26
CA LEU B 103 3.97 11.34 10.03
C LEU B 103 4.97 10.25 9.67
N GLY B 104 6.25 10.50 9.86
CA GLY B 104 7.27 9.50 9.55
C GLY B 104 7.17 8.24 10.38
N GLY B 105 6.68 8.35 11.61
CA GLY B 105 6.43 7.19 12.44
C GLY B 105 5.26 6.37 11.90
N HIS B 106 4.21 7.04 11.44
CA HIS B 106 3.09 6.33 10.81
C HIS B 106 3.56 5.62 9.55
N ILE B 107 4.42 6.28 8.79
CA ILE B 107 5.01 5.66 7.61
C ILE B 107 5.85 4.44 8.01
N GLY B 108 6.64 4.57 9.07
CA GLY B 108 7.43 3.44 9.54
C GLY B 108 6.58 2.23 9.92
N ILE B 109 5.41 2.49 10.52
CA ILE B 109 4.50 1.42 10.88
C ILE B 109 3.99 0.71 9.62
N GLU B 110 3.62 1.48 8.59
CA GLU B 110 3.25 0.90 7.31
C GLU B 110 4.41 0.17 6.61
N MET B 111 5.65 0.56 6.93
CA MET B 111 6.79 -0.13 6.35
C MET B 111 7.03 -1.52 6.92
N ILE B 112 6.50 -1.80 8.10
CA ILE B 112 6.76 -3.10 8.73
C ILE B 112 6.45 -4.27 7.78
N ALA B 113 5.29 -4.23 7.13
CA ALA B 113 4.91 -5.33 6.24
C ALA B 113 5.80 -5.40 4.99
N ARG B 114 6.26 -4.25 4.52
CA ARG B 114 6.98 -4.12 3.26
C ARG B 114 8.48 -4.34 3.39
N TYR B 115 8.96 -4.35 4.63
CA TYR B 115 10.39 -4.32 4.92
C TYR B 115 10.66 -5.29 6.07
N PRO B 116 10.53 -6.60 5.80
CA PRO B 116 10.43 -7.57 6.89
C PRO B 116 11.69 -7.82 7.68
N GLU B 117 12.85 -7.41 7.19
CA GLU B 117 14.05 -7.57 7.99
C GLU B 117 14.46 -6.27 8.71
N MET B 118 13.54 -5.31 8.78
CA MET B 118 13.71 -4.14 9.62
C MET B 118 14.18 -4.61 11.00
N ARG B 119 15.24 -4.00 11.52
CA ARG B 119 15.80 -4.48 12.78
C ARG B 119 15.19 -3.81 14.00
N GLY B 120 14.46 -2.72 13.78
CA GLY B 120 13.77 -2.04 14.85
C GLY B 120 13.09 -0.82 14.30
N LEU B 121 12.08 -0.31 15.01
CA LEU B 121 11.40 0.92 14.64
C LEU B 121 11.27 1.79 15.88
N MET B 122 11.78 3.03 15.82
CA MET B 122 11.53 4.00 16.87
C MET B 122 10.58 5.03 16.34
N ILE B 123 9.53 5.34 17.10
CA ILE B 123 8.55 6.34 16.70
C ILE B 123 8.47 7.46 17.71
N THR B 124 8.53 8.69 17.21
CA THR B 124 8.52 9.90 18.03
C THR B 124 7.49 10.83 17.43
N GLY B 125 6.56 11.31 18.25
CA GLY B 125 5.49 12.17 17.78
C GLY B 125 4.38 11.42 17.05
N THR B 126 4.29 10.13 17.33
CA THR B 126 3.41 9.21 16.64
C THR B 126 2.62 8.34 17.60
N PRO B 127 1.29 8.52 17.66
CA PRO B 127 0.47 7.55 18.39
C PRO B 127 -0.06 6.50 17.41
N PRO B 128 0.28 5.22 17.59
CA PRO B 128 -0.34 4.23 16.70
C PRO B 128 -1.84 4.21 16.94
N VAL B 129 -2.62 4.52 15.92
CA VAL B 129 -4.07 4.63 16.06
C VAL B 129 -4.78 3.99 14.89
N ALA B 130 -5.90 3.34 15.20
CA ALA B 130 -6.86 2.98 14.17
C ALA B 130 -7.55 4.27 13.79
N ARG B 131 -8.17 4.30 12.61
CA ARG B 131 -8.72 5.57 12.14
C ARG B 131 -9.76 6.15 13.10
N GLU B 132 -10.49 5.29 13.79
CA GLU B 132 -11.51 5.77 14.72
C GLU B 132 -10.92 6.30 16.03
N GLU B 133 -9.60 6.18 16.19
CA GLU B 133 -8.92 6.55 17.43
C GLU B 133 -8.19 7.89 17.39
N VAL B 134 -8.37 8.66 16.32
CA VAL B 134 -7.64 9.91 16.17
C VAL B 134 -7.87 10.88 17.32
N GLY B 135 -9.12 11.00 17.75
CA GLY B 135 -9.44 11.89 18.85
C GLY B 135 -8.73 11.52 20.14
N GLN B 136 -8.51 10.22 20.33
CA GLN B 136 -7.86 9.74 21.54
C GLN B 136 -6.35 9.88 21.48
N GLY B 137 -5.78 9.70 20.29
CA GLY B 137 -4.33 9.70 20.12
C GLY B 137 -3.70 11.08 20.04
N PHE B 138 -4.47 12.04 19.53
CA PHE B 138 -3.98 13.39 19.33
C PHE B 138 -4.73 14.43 20.17
N LYS B 139 -4.03 15.49 20.56
N LYS B 139 -4.03 15.49 20.56
CA LYS B 139 -4.63 16.62 21.26
CA LYS B 139 -4.66 16.59 21.27
C LYS B 139 -5.39 17.52 20.28
C LYS B 139 -5.44 17.46 20.27
N SER B 140 -6.35 18.27 20.80
CA SER B 140 -7.07 19.25 19.99
C SER B 140 -6.51 20.65 20.19
N GLY B 141 -5.29 20.89 19.71
CA GLY B 141 -4.70 22.21 19.82
C GLY B 141 -5.07 23.11 18.65
N PRO B 142 -4.63 24.38 18.71
CA PRO B 142 -4.93 25.35 17.65
C PRO B 142 -4.41 24.92 16.28
N ASP B 143 -3.33 24.15 16.25
CA ASP B 143 -2.69 23.76 14.99
C ASP B 143 -3.13 22.40 14.49
N MET B 144 -4.09 21.80 15.19
CA MET B 144 -4.55 20.46 14.84
C MET B 144 -5.02 20.38 13.38
N ALA B 145 -5.81 21.36 12.95
CA ALA B 145 -6.42 21.35 11.64
C ALA B 145 -5.41 21.52 10.50
N LEU B 146 -4.22 22.02 10.82
CA LEU B 146 -3.26 22.31 9.76
C LEU B 146 -2.70 21.04 9.12
N ALA B 147 -2.69 19.95 9.87
CA ALA B 147 -2.13 18.69 9.37
C ALA B 147 -2.67 18.32 8.00
N GLY B 148 -3.97 18.53 7.78
CA GLY B 148 -4.61 18.10 6.56
C GLY B 148 -5.10 19.27 5.72
N GLN B 149 -4.60 20.46 6.00
CA GLN B 149 -5.06 21.66 5.31
C GLN B 149 -4.16 21.96 4.11
N GLU B 150 -4.73 21.97 2.91
CA GLU B 150 -3.92 22.16 1.71
C GLU B 150 -3.24 23.53 1.64
N ILE B 151 -4.04 24.59 1.84
N ILE B 151 -4.02 24.59 1.86
CA ILE B 151 -3.55 25.95 1.68
CA ILE B 151 -3.53 25.94 1.67
C ILE B 151 -3.12 26.53 3.02
C ILE B 151 -3.14 26.60 2.99
N PHE B 152 -1.86 26.95 3.10
CA PHE B 152 -1.34 27.63 4.29
C PHE B 152 -1.15 29.11 3.99
N SER B 153 -1.62 29.97 4.87
CA SER B 153 -1.25 31.38 4.84
C SER B 153 0.17 31.51 5.40
N GLU B 154 0.73 32.72 5.33
CA GLU B 154 2.04 32.94 5.92
C GLU B 154 2.02 32.63 7.41
N ARG B 155 0.98 33.03 8.09
CA ARG B 155 0.84 32.73 9.50
C ARG B 155 0.67 31.24 9.80
N ASP B 156 -0.03 30.52 8.91
CA ASP B 156 -0.14 29.07 9.03
C ASP B 156 1.24 28.42 8.95
N VAL B 157 2.03 28.86 7.98
CA VAL B 157 3.38 28.32 7.82
C VAL B 157 4.17 28.49 9.11
N GLU B 158 4.12 29.68 9.68
CA GLU B 158 4.88 29.95 10.89
C GLU B 158 4.35 29.19 12.11
N SER B 159 3.04 29.21 12.32
CA SER B 159 2.47 28.50 13.46
C SER B 159 2.76 27.00 13.40
N TYR B 160 2.58 26.42 12.22
CA TYR B 160 2.86 24.99 12.02
C TYR B 160 4.32 24.69 12.28
N ALA B 161 5.21 25.51 11.70
CA ALA B 161 6.64 25.28 11.85
C ALA B 161 7.06 25.37 13.31
N ARG B 162 6.56 26.39 14.02
CA ARG B 162 6.96 26.56 15.39
C ARG B 162 6.45 25.44 16.30
N SER B 163 5.21 25.02 16.12
N SER B 163 5.22 24.99 16.07
CA SER B 163 4.66 23.95 16.95
CA SER B 163 4.59 23.98 16.91
C SER B 163 5.33 22.60 16.66
C SER B 163 5.12 22.56 16.67
N THR B 164 5.55 22.35 15.38
N THR B 164 5.55 22.27 15.45
CA THR B 164 6.04 21.04 14.94
CA THR B 164 6.09 20.94 15.16
C THR B 164 7.54 20.86 15.19
C THR B 164 7.59 20.89 15.43
N CYS B 165 8.32 21.92 15.02
CA CYS B 165 9.78 21.84 15.16
C CYS B 165 10.33 22.31 16.49
N GLY B 166 9.59 23.18 17.16
CA GLY B 166 10.02 23.70 18.44
C GLY B 166 11.34 24.47 18.40
N GLU B 167 11.95 24.62 19.56
CA GLU B 167 13.21 25.32 19.68
C GLU B 167 14.34 24.43 19.24
N PRO B 168 15.38 25.01 18.65
CA PRO B 168 15.54 26.43 18.35
C PRO B 168 14.90 26.72 17.02
N PHE B 169 14.11 27.77 16.93
CA PHE B 169 13.45 28.04 15.67
C PHE B 169 14.31 28.90 14.79
N GLU B 170 14.25 28.71 13.48
CA GLU B 170 14.90 29.64 12.58
C GLU B 170 14.15 29.71 11.25
N ALA B 171 14.48 30.73 10.47
CA ALA B 171 13.76 31.06 9.25
C ALA B 171 13.71 29.93 8.22
N SER B 172 14.79 29.17 8.10
CA SER B 172 14.86 28.10 7.10
C SER B 172 13.74 27.08 7.28
N LEU B 173 13.27 26.94 8.52
CA LEU B 173 12.17 26.03 8.81
C LEU B 173 10.87 26.47 8.11
N LEU B 174 10.65 27.78 8.00
CA LEU B 174 9.49 28.29 7.28
C LEU B 174 9.59 27.88 5.81
N ASP B 175 10.80 27.96 5.26
CA ASP B 175 11.00 27.65 3.85
C ASP B 175 10.68 26.19 3.54
N ILE B 176 11.05 25.30 4.46
CA ILE B 176 10.77 23.89 4.28
C ILE B 176 9.26 23.64 4.27
N VAL B 177 8.57 24.22 5.24
CA VAL B 177 7.12 24.05 5.36
C VAL B 177 6.41 24.66 4.16
N ALA B 178 6.81 25.86 3.77
CA ALA B 178 6.19 26.54 2.65
C ALA B 178 6.37 25.80 1.33
N ARG B 179 7.48 25.08 1.17
CA ARG B 179 7.71 24.35 -0.09
C ARG B 179 6.72 23.21 -0.28
N THR B 180 6.34 22.57 0.83
CA THR B 180 5.56 21.35 0.77
C THR B 180 4.37 21.47 -0.20
N ASP B 181 4.19 20.46 -1.03
CA ASP B 181 3.02 20.35 -1.89
C ASP B 181 1.80 20.19 -0.97
N GLY B 182 0.97 21.23 -0.89
CA GLY B 182 -0.14 21.21 0.04
C GLY B 182 -1.15 20.10 -0.21
N ARG B 183 -1.20 19.64 -1.45
CA ARG B 183 -2.07 18.52 -1.79
C ARG B 183 -1.71 17.30 -0.94
N ALA B 184 -0.43 17.15 -0.62
CA ALA B 184 0.02 16.02 0.19
C ALA B 184 -0.60 16.03 1.58
N ARG B 185 -0.76 17.21 2.18
CA ARG B 185 -1.41 17.30 3.49
C ARG B 185 -2.85 16.83 3.43
N ARG B 186 -3.60 17.38 2.49
CA ARG B 186 -5.02 17.08 2.36
C ARG B 186 -5.25 15.62 2.07
N ILE B 187 -4.52 15.09 1.09
CA ILE B 187 -4.75 13.72 0.64
C ILE B 187 -4.33 12.71 1.70
N MET B 188 -3.18 12.91 2.32
CA MET B 188 -2.73 12.01 3.35
C MET B 188 -3.74 11.94 4.49
N PHE B 189 -4.25 13.10 4.90
CA PHE B 189 -5.20 13.16 6.00
C PHE B 189 -6.53 12.46 5.64
N GLU B 190 -7.02 12.70 4.44
CA GLU B 190 -8.25 12.07 4.01
C GLU B 190 -8.11 10.56 3.91
N LYS B 191 -6.97 10.09 3.41
CA LYS B 191 -6.78 8.66 3.24
C LYS B 191 -6.65 7.96 4.56
N PHE B 192 -6.00 8.59 5.51
CA PHE B 192 -6.01 8.01 6.83
C PHE B 192 -7.46 7.91 7.34
N GLY B 193 -8.23 8.98 7.16
CA GLY B 193 -9.62 8.97 7.59
C GLY B 193 -10.48 7.92 6.87
N SER B 194 -10.06 7.55 5.66
CA SER B 194 -10.80 6.58 4.86
C SER B 194 -10.30 5.15 5.08
N GLY B 195 -9.35 4.99 5.99
CA GLY B 195 -8.80 3.67 6.28
C GLY B 195 -8.17 2.97 5.10
N THR B 196 -7.41 3.70 4.30
CA THR B 196 -6.90 3.11 3.06
C THR B 196 -5.68 2.21 3.27
N GLY B 197 -4.98 2.37 4.39
CA GLY B 197 -3.82 1.56 4.69
C GLY B 197 -4.13 0.58 5.79
N GLY B 198 -3.11 -0.09 6.31
CA GLY B 198 -3.29 -1.05 7.39
C GLY B 198 -3.72 -0.41 8.68
N ASN B 199 -4.36 -1.19 9.54
CA ASN B 199 -4.74 -0.73 10.87
C ASN B 199 -3.51 -0.69 11.78
N GLN B 200 -3.08 0.53 12.13
CA GLN B 200 -1.81 0.70 12.83
C GLN B 200 -1.81 0.18 14.25
N ARG B 201 -2.98 0.20 14.88
CA ARG B 201 -3.13 -0.40 16.20
C ARG B 201 -2.82 -1.90 16.12
N ASP B 202 -3.41 -2.59 15.15
CA ASP B 202 -3.16 -4.02 14.98
C ASP B 202 -1.73 -4.30 14.55
N ILE B 203 -1.19 -3.47 13.66
CA ILE B 203 0.15 -3.69 13.16
C ILE B 203 1.17 -3.68 14.30
N VAL B 204 1.12 -2.67 15.16
CA VAL B 204 2.13 -2.58 16.22
C VAL B 204 1.92 -3.68 17.26
N ALA B 205 0.68 -4.10 17.48
CA ALA B 205 0.40 -5.19 18.42
C ALA B 205 1.02 -6.50 17.94
N GLU B 206 1.01 -6.72 16.63
CA GLU B 206 1.42 -7.98 16.05
C GLU B 206 2.87 -7.99 15.60
N ALA B 207 3.49 -6.80 15.56
CA ALA B 207 4.87 -6.69 15.13
C ALA B 207 5.83 -7.27 16.15
N GLN B 208 6.73 -8.13 15.68
CA GLN B 208 7.68 -8.82 16.57
C GLN B 208 8.99 -8.09 16.80
N LEU B 209 9.34 -7.18 15.90
CA LEU B 209 10.57 -6.42 16.04
C LEU B 209 10.45 -5.44 17.19
N PRO B 210 11.58 -5.02 17.74
CA PRO B 210 11.52 -4.02 18.81
C PRO B 210 10.94 -2.71 18.27
N ILE B 211 9.95 -2.18 18.98
CA ILE B 211 9.45 -0.85 18.68
C ILE B 211 9.70 0.04 19.89
N ALA B 212 10.44 1.12 19.67
CA ALA B 212 10.72 2.10 20.71
C ALA B 212 9.81 3.31 20.55
N VAL B 213 9.38 3.86 21.67
CA VAL B 213 8.50 5.03 21.67
C VAL B 213 9.17 6.09 22.53
N VAL B 214 9.51 7.22 21.92
CA VAL B 214 10.21 8.30 22.62
C VAL B 214 9.54 9.62 22.24
N ASN B 215 9.08 10.37 23.23
CA ASN B 215 8.40 11.64 22.99
C ASN B 215 8.86 12.75 23.91
N GLY B 216 8.78 13.99 23.44
CA GLY B 216 8.98 15.13 24.31
C GLY B 216 7.73 15.38 25.14
N ARG B 217 7.96 15.70 26.41
CA ARG B 217 6.86 15.90 27.36
C ARG B 217 5.93 17.03 26.95
N ASP B 218 6.46 18.02 26.25
CA ASP B 218 5.72 19.24 25.96
C ASP B 218 5.21 19.32 24.52
N GLY B 219 5.26 18.21 23.79
CA GLY B 219 4.75 18.18 22.44
C GLY B 219 3.27 18.54 22.41
N PRO B 220 2.85 19.37 21.45
CA PRO B 220 1.47 19.84 21.45
C PRO B 220 0.50 18.90 20.73
N PHE B 221 0.99 17.79 20.18
CA PHE B 221 0.15 16.96 19.32
C PHE B 221 -0.25 15.58 19.89
N VAL B 222 0.71 14.87 20.47
CA VAL B 222 0.47 13.50 20.91
C VAL B 222 -0.07 13.43 22.33
N GLU B 223 -1.12 12.64 22.52
CA GLU B 223 -1.57 12.33 23.87
C GLU B 223 -0.69 11.25 24.47
N LEU B 224 0.20 11.64 25.38
CA LEU B 224 1.19 10.72 25.91
C LEU B 224 0.55 9.62 26.74
N ASP B 225 -0.58 9.93 27.39
CA ASP B 225 -1.27 8.93 28.19
C ASP B 225 -1.86 7.85 27.30
N PHE B 226 -2.36 8.23 26.14
CA PHE B 226 -2.89 7.26 25.19
C PHE B 226 -1.77 6.34 24.71
N VAL B 227 -0.65 6.94 24.33
CA VAL B 227 0.45 6.15 23.80
C VAL B 227 0.98 5.15 24.83
N SER B 228 0.93 5.52 26.11
CA SER B 228 1.40 4.63 27.17
C SER B 228 0.46 3.43 27.40
N LYS B 229 -0.71 3.45 26.76
CA LYS B 229 -1.69 2.36 26.88
C LYS B 229 -1.67 1.44 25.66
N VAL B 230 -0.97 1.84 24.60
CA VAL B 230 -0.98 1.07 23.36
C VAL B 230 -0.23 -0.24 23.54
N LYS B 231 -0.80 -1.34 23.03
CA LYS B 231 -0.14 -2.64 23.10
C LYS B 231 0.81 -2.83 21.92
N PHE B 232 2.08 -3.10 22.22
CA PHE B 232 3.06 -3.43 21.20
C PHE B 232 3.47 -4.89 21.34
N GLY B 233 3.82 -5.52 20.22
CA GLY B 233 4.32 -6.88 20.29
C GLY B 233 5.61 -6.99 21.07
N ASN B 234 6.44 -5.95 21.01
CA ASN B 234 7.77 -5.97 21.60
C ASN B 234 8.18 -4.53 21.86
N LEU B 235 7.66 -3.98 22.95
CA LEU B 235 7.94 -2.59 23.31
C LEU B 235 9.34 -2.49 23.91
N TRP B 236 10.19 -1.70 23.28
CA TRP B 236 11.57 -1.58 23.72
C TRP B 236 11.67 -1.03 25.13
N GLU B 237 12.37 -1.79 26.00
CA GLU B 237 12.51 -1.49 27.42
C GLU B 237 11.20 -1.49 28.19
N GLY B 238 10.14 -2.01 27.57
CA GLY B 238 8.89 -2.26 28.26
C GLY B 238 8.11 -1.03 28.69
N LYS B 239 8.46 0.13 28.14
CA LYS B 239 7.73 1.35 28.47
C LYS B 239 7.89 2.36 27.35
N THR B 240 7.00 3.35 27.33
CA THR B 240 7.15 4.50 26.45
C THR B 240 8.00 5.53 27.20
N HIS B 241 8.85 6.23 26.47
CA HIS B 241 9.81 7.14 27.10
C HIS B 241 9.42 8.59 26.85
N VAL B 242 9.65 9.42 27.86
CA VAL B 242 9.33 10.83 27.78
C VAL B 242 10.54 11.67 28.15
N ILE B 243 10.88 12.63 27.29
CA ILE B 243 11.98 13.55 27.55
C ILE B 243 11.41 14.86 28.05
N ASP B 244 11.76 15.21 29.28
CA ASP B 244 11.24 16.44 29.90
C ASP B 244 11.73 17.69 29.18
N ASN B 245 10.89 18.72 29.16
CA ASN B 245 11.27 20.02 28.61
C ASN B 245 11.68 19.96 27.13
N ALA B 246 11.04 19.06 26.39
CA ALA B 246 11.20 18.98 24.95
C ALA B 246 9.82 18.88 24.33
N GLY B 247 9.67 19.43 23.14
CA GLY B 247 8.41 19.37 22.44
C GLY B 247 8.32 18.23 21.44
N HIS B 248 7.72 18.51 20.30
CA HIS B 248 7.37 17.51 19.30
C HIS B 248 8.61 16.91 18.62
N ALA B 249 9.72 17.64 18.64
CA ALA B 249 10.93 17.28 17.91
C ALA B 249 12.16 17.18 18.85
N PRO B 250 12.14 16.22 19.79
CA PRO B 250 13.25 16.16 20.76
C PRO B 250 14.62 15.88 20.13
N PHE B 251 14.65 15.27 18.94
CA PHE B 251 15.91 15.03 18.25
C PHE B 251 16.66 16.30 17.87
N ARG B 252 15.96 17.43 17.76
CA ARG B 252 16.64 18.70 17.48
C ARG B 252 16.63 19.62 18.69
N GLU B 253 15.61 19.52 19.53
CA GLU B 253 15.54 20.36 20.73
C GLU B 253 16.50 19.92 21.82
N ALA B 254 16.69 18.61 21.95
CA ALA B 254 17.53 18.06 23.00
C ALA B 254 18.35 16.91 22.42
N PRO B 255 19.25 17.23 21.48
CA PRO B 255 19.91 16.13 20.76
C PRO B 255 20.68 15.16 21.67
N ALA B 256 21.37 15.63 22.69
CA ALA B 256 22.13 14.70 23.51
C ALA B 256 21.23 13.70 24.22
N GLU B 257 20.13 14.17 24.79
CA GLU B 257 19.20 13.30 25.48
C GLU B 257 18.54 12.32 24.52
N PHE B 258 18.03 12.86 23.40
CA PHE B 258 17.40 12.02 22.39
C PHE B 258 18.38 10.99 21.84
N ASP B 259 19.60 11.43 21.54
CA ASP B 259 20.60 10.56 20.93
C ASP B 259 20.97 9.41 21.87
N ALA B 260 20.93 9.62 23.19
CA ALA B 260 21.19 8.53 24.12
C ALA B 260 20.17 7.40 23.92
N TYR B 261 18.88 7.76 23.77
CA TYR B 261 17.87 6.74 23.48
C TYR B 261 18.12 6.09 22.13
N LEU B 262 18.36 6.89 21.10
CA LEU B 262 18.53 6.36 19.76
C LEU B 262 19.74 5.43 19.68
N ALA B 263 20.87 5.87 20.23
CA ALA B 263 22.07 5.04 20.21
C ALA B 263 21.85 3.71 20.95
N ARG B 264 21.21 3.77 22.12
CA ARG B 264 20.97 2.55 22.88
C ARG B 264 20.05 1.62 22.11
N PHE B 265 19.03 2.18 21.46
CA PHE B 265 18.11 1.39 20.66
C PHE B 265 18.81 0.76 19.47
N ILE B 266 19.63 1.51 18.75
CA ILE B 266 20.33 0.94 17.61
C ILE B 266 21.25 -0.20 18.09
N ARG B 267 22.01 0.03 19.15
CA ARG B 267 22.87 -1.01 19.71
C ARG B 267 22.06 -2.27 20.03
N ASP B 268 20.95 -2.09 20.74
CA ASP B 268 20.11 -3.22 21.12
C ASP B 268 19.58 -3.99 19.90
N CYS B 269 19.24 -3.29 18.84
CA CYS B 269 18.64 -3.90 17.65
C CYS B 269 19.64 -4.53 16.71
N THR B 270 20.92 -4.23 16.89
CA THR B 270 21.90 -4.64 15.89
C THR B 270 23.09 -5.39 16.47
N GLN B 271 23.33 -5.28 17.78
CA GLN B 271 24.57 -5.81 18.35
C GLN B 271 24.34 -6.67 19.58
N LEU B 272 23.10 -7.07 19.81
CA LEU B 272 22.77 -8.01 20.89
C LEU B 272 22.45 -9.41 20.37
N GLU B 273 22.67 -10.40 21.22
CA GLU B 273 22.40 -11.79 20.86
C GLU B 273 20.91 -12.09 20.86
N HIS B 274 20.34 -12.71 19.83
N HIS B 274 20.42 -12.80 19.84
CA HIS B 274 18.94 -13.01 19.92
CA HIS B 274 18.99 -13.01 19.71
C HIS B 274 18.51 -14.44 19.97
C HIS B 274 18.50 -14.42 19.90
N HIS B 275 17.54 -14.60 20.80
CA HIS B 275 16.77 -15.82 20.91
C HIS B 275 15.29 -15.54 20.86
N HIS B 276 14.55 -16.50 20.32
CA HIS B 276 13.10 -16.36 20.21
C HIS B 276 12.53 -16.29 21.59
N HIS B 277 11.20 -16.24 21.73
CA HIS B 277 10.17 -16.22 20.67
C HIS B 277 9.16 -17.17 21.15
#